data_5XYX
#
_entry.id   5XYX
#
_cell.length_a   45.150
_cell.length_b   86.130
_cell.length_c   124.770
_cell.angle_alpha   90.00
_cell.angle_beta   90.00
_cell.angle_gamma   90.00
#
_symmetry.space_group_name_H-M   'P 21 21 21'
#
loop_
_entity.id
_entity.type
_entity.pdbx_description
1 polymer 'Mitogen-activated protein kinase 14'
2 non-polymer N-(2-chloro-6-fluorobenzyl)-5-(furan-2-yl)-2H-1,2,4-triazol-3-amine
#
_entity_poly.entity_id   1
_entity_poly.type   'polypeptide(L)'
_entity_poly.pdbx_seq_one_letter_code
;MGSSHHHHHHSSGLVPRGSHMSQERPTFYRQELNKTIWEVPERYQNLSPVGSGAYGSVCAAFDTKTGLRVAVKKLSRPFQ
SIIHAKRTYRELRLLKHMKHENVIGLLDVFTPARSLEEFNDVYLVTHLMGADLNNIVKCQKLTDDHVQFLIYQILRGLKY
IHSADIIHRDLKPSNLAVNEDCELKILDFGLARHTDDEMTGYVATRWYRAPEIMLNWMHYNQTVDIWSVGCIMAELLTGR
TLFPGTDHIDQLKLILRLVGTPGAELLKKISSESARNYIQSLTQMPKMNFANVFIGANPLAVDLLEKMLVLDSDKRITAA
QALAHAYFAQYHDPDDEPVADPYDQSFESRDLLIDEWKSLTYDEVISFVPPPLDQEEMES
;
_entity_poly.pdbx_strand_id   A
#
loop_
_chem_comp.id
_chem_comp.type
_chem_comp.name
_chem_comp.formula
FTZ non-polymer N-(2-chloro-6-fluorobenzyl)-5-(furan-2-yl)-2H-1,2,4-triazol-3-amine 'C13 H10 Cl F N4 O'
#
# COMPACT_ATOMS: atom_id res chain seq x y z
N GLU A 24 34.62 4.08 10.01
CA GLU A 24 33.61 3.12 9.43
C GLU A 24 32.15 3.64 9.46
N ARG A 25 31.89 4.70 10.24
CA ARG A 25 30.78 5.64 9.98
C ARG A 25 31.13 6.48 8.74
N PRO A 26 30.26 6.54 7.71
CA PRO A 26 30.67 7.27 6.51
C PRO A 26 30.71 8.75 6.71
N THR A 27 31.35 9.44 5.76
CA THR A 27 31.51 10.89 5.81
C THR A 27 30.25 11.52 5.22
N PHE A 28 29.77 12.59 5.84
CA PHE A 28 28.52 13.22 5.39
C PHE A 28 28.87 14.52 4.70
N TYR A 29 28.05 14.91 3.73
CA TYR A 29 28.10 16.26 3.17
C TYR A 29 26.71 16.90 3.22
N ARG A 30 26.71 18.24 3.26
CA ARG A 30 25.53 19.07 3.43
C ARG A 30 25.17 19.78 2.15
N GLN A 31 23.88 19.99 1.94
CA GLN A 31 23.35 20.50 0.67
C GLN A 31 21.92 21.02 0.88
N GLU A 32 21.64 22.29 0.54
CA GLU A 32 20.27 22.82 0.61
C GLU A 32 19.51 22.46 -0.66
N LEU A 33 18.27 21.97 -0.53
CA LEU A 33 17.46 21.64 -1.72
C LEU A 33 16.16 22.43 -1.75
N ASN A 34 15.03 21.83 -1.33
CA ASN A 34 13.75 22.56 -1.35
CA ASN A 34 13.72 22.49 -1.32
C ASN A 34 13.55 23.30 -0.03
N LYS A 35 14.32 24.39 0.09
CA LYS A 35 14.38 25.24 1.28
C LYS A 35 14.92 24.51 2.53
N THR A 36 15.50 23.32 2.33
CA THR A 36 15.83 22.41 3.45
C THR A 36 17.18 21.73 3.25
N ILE A 37 17.92 21.62 4.36
CA ILE A 37 19.27 21.08 4.40
C ILE A 37 19.28 19.55 4.48
N TRP A 38 19.86 18.91 3.47
CA TRP A 38 20.04 17.46 3.42
C TRP A 38 21.48 17.13 3.67
N GLU A 39 21.71 16.28 4.67
CA GLU A 39 23.03 15.85 5.10
C GLU A 39 23.11 14.33 4.93
N VAL A 40 23.75 13.87 3.84
CA VAL A 40 23.79 12.46 3.47
C VAL A 40 25.21 11.91 3.28
N PRO A 41 25.36 10.57 3.33
CA PRO A 41 26.66 9.96 3.08
C PRO A 41 27.15 10.22 1.66
N GLU A 42 28.46 10.37 1.52
CA GLU A 42 29.15 10.63 0.23
C GLU A 42 28.74 9.68 -0.91
N ARG A 43 28.43 8.43 -0.57
CA ARG A 43 27.94 7.45 -1.55
C ARG A 43 26.77 7.97 -2.40
N TYR A 44 25.86 8.77 -1.80
CA TYR A 44 24.71 9.32 -2.54
C TYR A 44 25.05 10.62 -3.22
N GLN A 45 24.83 10.68 -4.54
CA GLN A 45 25.14 11.82 -5.41
C GLN A 45 23.99 12.14 -6.38
N ASN A 46 24.03 13.35 -6.95
CA ASN A 46 23.03 13.87 -7.91
C ASN A 46 21.64 13.94 -7.29
N LEU A 47 21.59 14.53 -6.10
CA LEU A 47 20.33 14.72 -5.41
C LEU A 47 19.56 15.79 -6.15
N SER A 48 18.36 15.44 -6.59
CA SER A 48 17.41 16.43 -7.09
C SER A 48 15.98 16.08 -6.60
N PRO A 49 15.22 17.09 -6.12
CA PRO A 49 13.85 16.88 -5.56
C PRO A 49 12.82 16.14 -6.43
N VAL A 50 11.89 15.44 -5.77
CA VAL A 50 10.76 14.75 -6.39
C VAL A 50 9.63 14.75 -5.35
N SER A 57 9.70 15.24 2.34
CA SER A 57 10.56 15.62 1.22
C SER A 57 11.27 14.39 0.66
N VAL A 58 11.27 14.23 -0.67
CA VAL A 58 11.93 13.10 -1.34
C VAL A 58 12.86 13.58 -2.48
N CYS A 59 14.08 13.01 -2.56
CA CYS A 59 15.02 13.26 -3.68
C CYS A 59 15.38 11.95 -4.41
N ALA A 60 15.50 12.05 -5.73
CA ALA A 60 16.15 11.01 -6.54
C ALA A 60 17.64 11.12 -6.33
N ALA A 61 18.35 10.00 -6.34
CA ALA A 61 19.82 10.02 -6.32
C ALA A 61 20.49 8.80 -6.94
N PHE A 62 21.78 8.97 -7.23
CA PHE A 62 22.61 7.86 -7.63
C PHE A 62 23.42 7.37 -6.44
N ASP A 63 23.24 6.10 -6.10
CA ASP A 63 24.05 5.41 -5.09
C ASP A 63 25.30 4.76 -5.73
N THR A 64 26.45 5.40 -5.55
CA THR A 64 27.70 4.95 -6.19
C THR A 64 28.26 3.62 -5.66
N LYS A 65 27.83 3.22 -4.47
CA LYS A 65 28.21 1.92 -3.94
C LYS A 65 27.44 0.76 -4.60
N THR A 66 26.14 0.91 -4.88
CA THR A 66 25.36 -0.19 -5.51
C THR A 66 25.08 0.01 -7.01
N GLY A 67 25.28 1.21 -7.54
CA GLY A 67 24.94 1.49 -8.93
C GLY A 67 23.45 1.65 -9.18
N LEU A 68 22.68 1.87 -8.12
CA LEU A 68 21.21 1.94 -8.20
C LEU A 68 20.75 3.39 -8.15
N ARG A 69 19.68 3.67 -8.90
CA ARG A 69 18.96 4.92 -8.79
C ARG A 69 18.09 4.70 -7.57
N VAL A 70 18.01 5.71 -6.71
CA VAL A 70 17.35 5.54 -5.41
C VAL A 70 16.51 6.74 -5.11
N ALA A 71 15.48 6.52 -4.29
CA ALA A 71 14.73 7.59 -3.68
C ALA A 71 15.22 7.72 -2.25
N VAL A 72 15.36 8.95 -1.81
CA VAL A 72 15.84 9.29 -0.48
C VAL A 72 14.79 10.20 0.14
N LYS A 73 14.22 9.77 1.27
CA LYS A 73 13.20 10.53 1.98
C LYS A 73 13.76 10.97 3.32
N LYS A 74 13.75 12.27 3.54
CA LYS A 74 14.08 12.84 4.81
C LYS A 74 12.75 13.10 5.49
N LEU A 75 12.56 12.46 6.64
CA LEU A 75 11.38 12.68 7.45
C LEU A 75 11.51 14.07 8.12
N SER A 76 10.43 14.84 8.06
CA SER A 76 10.34 16.18 8.66
C SER A 76 9.83 16.10 10.11
N ARG A 77 10.59 16.66 11.04
CA ARG A 77 10.18 16.75 12.44
C ARG A 77 9.72 15.36 12.91
N PRO A 78 10.62 14.35 12.84
CA PRO A 78 10.20 12.98 13.08
C PRO A 78 9.77 12.70 14.53
N PHE A 79 10.24 13.51 15.46
CA PHE A 79 10.03 13.31 16.89
C PHE A 79 9.38 14.53 17.57
N GLN A 80 8.49 15.20 16.83
CA GLN A 80 7.84 16.44 17.32
C GLN A 80 6.74 16.18 18.34
N SER A 81 6.03 15.07 18.21
CA SER A 81 4.92 14.72 19.09
C SER A 81 4.94 13.21 19.33
N ILE A 82 4.10 12.75 20.26
CA ILE A 82 4.00 11.33 20.57
C ILE A 82 3.56 10.61 19.29
N ILE A 83 2.56 11.16 18.63
CA ILE A 83 1.96 10.53 17.45
C ILE A 83 2.96 10.46 16.28
N HIS A 84 3.69 11.55 16.03
CA HIS A 84 4.72 11.57 14.98
C HIS A 84 5.91 10.64 15.29
N ALA A 85 6.33 10.57 16.55
CA ALA A 85 7.40 9.64 16.98
C ALA A 85 7.03 8.18 16.74
N LYS A 86 5.77 7.86 17.04
CA LYS A 86 5.27 6.53 16.86
C LYS A 86 5.19 6.18 15.40
N ARG A 87 4.77 7.14 14.59
CA ARG A 87 4.59 6.95 13.14
C ARG A 87 5.94 6.69 12.44
N THR A 88 6.97 7.39 12.92
CA THR A 88 8.33 7.26 12.44
C THR A 88 8.93 5.89 12.74
N TYR A 89 8.73 5.45 13.99
CA TYR A 89 9.04 4.07 14.40
C TYR A 89 8.28 3.04 13.56
N ARG A 90 6.97 3.24 13.42
CA ARG A 90 6.10 2.35 12.62
C ARG A 90 6.65 2.21 11.23
N GLU A 91 6.77 3.34 10.53
CA GLU A 91 7.34 3.33 9.17
C GLU A 91 8.70 2.62 9.09
N LEU A 92 9.57 2.81 10.06
CA LEU A 92 10.92 2.22 10.00
C LEU A 92 10.88 0.72 10.26
N ARG A 93 10.04 0.28 11.20
CA ARG A 93 9.83 -1.13 11.40
C ARG A 93 9.32 -1.82 10.15
N LEU A 94 8.29 -1.27 9.51
CA LEU A 94 7.69 -1.91 8.34
C LEU A 94 8.66 -2.04 7.17
N LEU A 95 9.36 -0.95 6.87
CA LEU A 95 10.31 -0.97 5.78
C LEU A 95 11.49 -1.91 6.04
N LYS A 96 11.96 -1.98 7.29
CA LYS A 96 13.03 -2.93 7.68
C LYS A 96 12.61 -4.39 7.51
N HIS A 97 11.32 -4.65 7.61
CA HIS A 97 10.80 -5.98 7.49
C HIS A 97 10.63 -6.51 6.06
N MET A 98 10.27 -5.65 5.12
CA MET A 98 9.86 -6.10 3.77
C MET A 98 11.02 -6.54 2.88
N LYS A 99 11.11 -7.85 2.65
CA LYS A 99 12.17 -8.43 1.88
C LYS A 99 11.50 -9.34 0.86
N HIS A 100 10.95 -8.72 -0.17
CA HIS A 100 10.18 -9.43 -1.20
C HIS A 100 10.22 -8.59 -2.47
N GLU A 101 10.25 -9.24 -3.62
CA GLU A 101 10.47 -8.60 -4.92
C GLU A 101 9.39 -7.61 -5.37
N ASN A 102 8.13 -7.95 -5.09
CA ASN A 102 6.98 -7.06 -5.35
C ASN A 102 6.57 -6.13 -4.23
N VAL A 103 7.45 -6.00 -3.22
CA VAL A 103 7.25 -5.05 -2.15
C VAL A 103 8.49 -4.19 -2.04
N ILE A 104 8.29 -2.93 -1.70
CA ILE A 104 9.39 -1.99 -1.60
C ILE A 104 10.18 -2.22 -0.31
N GLY A 105 11.48 -2.38 -0.46
CA GLY A 105 12.37 -2.61 0.66
C GLY A 105 13.18 -1.38 0.99
N LEU A 106 13.86 -1.51 2.13
CA LEU A 106 14.78 -0.51 2.62
C LEU A 106 16.16 -0.91 2.16
N LEU A 107 16.78 -0.06 1.32
CA LEU A 107 18.20 -0.17 0.92
C LEU A 107 19.18 0.41 1.94
N ASP A 108 18.79 1.50 2.58
CA ASP A 108 19.62 2.10 3.63
C ASP A 108 18.76 2.99 4.53
N VAL A 109 19.18 3.14 5.77
CA VAL A 109 18.60 4.16 6.67
C VAL A 109 19.76 4.81 7.38
N PHE A 110 19.74 6.12 7.52
CA PHE A 110 20.85 6.78 8.17
C PHE A 110 20.46 8.07 8.86
N THR A 111 21.41 8.56 9.66
CA THR A 111 21.27 9.85 10.32
C THR A 111 22.65 10.52 10.48
N PRO A 112 22.71 11.85 10.35
CA PRO A 112 24.03 12.50 10.56
C PRO A 112 24.52 12.44 12.01
N ALA A 113 23.61 12.28 12.97
CA ALA A 113 23.95 12.19 14.40
C ALA A 113 24.87 11.04 14.84
N ARG A 114 25.81 11.31 15.74
CA ARG A 114 26.70 10.27 16.34
C ARG A 114 26.20 9.69 17.67
N SER A 115 25.15 10.28 18.23
CA SER A 115 24.55 9.74 19.44
C SER A 115 23.05 10.02 19.49
N LEU A 116 22.39 9.34 20.43
CA LEU A 116 20.96 9.50 20.69
C LEU A 116 20.57 10.94 21.04
N GLU A 117 21.47 11.64 21.73
CA GLU A 117 21.20 12.97 22.28
C GLU A 117 21.10 13.96 21.12
N GLU A 118 21.96 13.79 20.10
CA GLU A 118 21.89 14.62 18.88
C GLU A 118 20.83 14.18 17.86
N PHE A 119 20.37 12.93 17.98
CA PHE A 119 19.46 12.31 17.01
C PHE A 119 18.20 13.13 16.80
N ASN A 120 17.99 13.63 15.57
CA ASN A 120 16.74 14.29 15.20
C ASN A 120 16.31 14.23 13.71
N ASP A 121 17.01 13.46 12.88
CA ASP A 121 16.76 13.41 11.43
C ASP A 121 16.84 11.95 11.00
N VAL A 122 15.90 11.52 10.17
CA VAL A 122 15.90 10.16 9.68
C VAL A 122 15.75 10.19 8.17
N TYR A 123 16.69 9.56 7.48
CA TYR A 123 16.66 9.44 6.04
C TYR A 123 16.39 7.97 5.67
N LEU A 124 15.49 7.71 4.74
CA LEU A 124 15.17 6.35 4.34
C LEU A 124 15.50 6.20 2.88
N VAL A 125 16.16 5.10 2.52
CA VAL A 125 16.60 4.92 1.14
C VAL A 125 15.96 3.69 0.56
N THR A 126 15.34 3.88 -0.61
CA THR A 126 14.69 2.82 -1.34
C THR A 126 15.05 2.95 -2.82
N HIS A 127 14.82 1.87 -3.57
CA HIS A 127 14.90 1.86 -5.03
C HIS A 127 14.05 2.97 -5.62
N LEU A 128 14.56 3.61 -6.67
CA LEU A 128 13.78 4.51 -7.48
C LEU A 128 13.15 3.66 -8.58
N MET A 129 11.84 3.76 -8.71
CA MET A 129 11.11 3.00 -9.72
C MET A 129 10.80 3.91 -10.91
N GLY A 130 10.46 3.28 -12.03
CA GLY A 130 10.13 3.97 -13.27
C GLY A 130 8.94 4.90 -13.13
N ALA A 131 7.74 4.33 -13.09
CA ALA A 131 6.52 5.12 -13.06
C ALA A 131 5.48 4.44 -12.21
N ASP A 132 4.59 5.23 -11.61
CA ASP A 132 3.45 4.66 -10.89
C ASP A 132 2.43 4.13 -11.91
N LEU A 133 1.38 3.49 -11.44
CA LEU A 133 0.38 2.89 -12.33
C LEU A 133 -0.61 3.91 -12.95
N ASN A 134 -0.77 5.11 -12.37
CA ASN A 134 -1.47 6.21 -13.05
C ASN A 134 -0.89 6.49 -14.41
N ASN A 135 0.38 6.86 -14.44
CA ASN A 135 1.05 7.30 -15.67
C ASN A 135 0.89 6.29 -16.77
N ILE A 136 0.95 5.03 -16.38
CA ILE A 136 0.94 3.91 -17.30
C ILE A 136 -0.43 3.57 -17.97
N VAL A 137 -1.57 3.88 -17.34
CA VAL A 137 -2.85 3.71 -18.06
C VAL A 137 -2.99 4.74 -19.19
N LEU A 142 -4.94 -1.63 -21.43
CA LEU A 142 -3.83 -2.60 -21.46
C LEU A 142 -4.28 -3.97 -22.02
N THR A 143 -3.35 -4.74 -22.57
CA THR A 143 -3.66 -6.12 -22.99
C THR A 143 -3.98 -7.03 -21.79
N ASP A 144 -4.66 -8.14 -22.06
CA ASP A 144 -4.98 -9.10 -21.03
C ASP A 144 -3.76 -9.79 -20.42
N ASP A 145 -2.72 -9.97 -21.23
CA ASP A 145 -1.42 -10.45 -20.75
C ASP A 145 -0.80 -9.49 -19.73
N HIS A 146 -0.84 -8.20 -20.01
CA HIS A 146 -0.30 -7.19 -19.10
C HIS A 146 -1.09 -7.16 -17.80
N VAL A 147 -2.41 -7.28 -17.89
CA VAL A 147 -3.26 -7.30 -16.70
C VAL A 147 -2.99 -8.55 -15.83
N GLN A 148 -2.94 -9.72 -16.43
CA GLN A 148 -2.50 -10.92 -15.70
C GLN A 148 -1.19 -10.71 -14.95
N PHE A 149 -0.19 -10.18 -15.63
CA PHE A 149 1.17 -10.09 -15.07
C PHE A 149 1.21 -9.11 -13.91
N LEU A 150 0.57 -7.96 -14.08
CA LEU A 150 0.53 -6.91 -13.07
C LEU A 150 -0.31 -7.33 -11.88
N ILE A 151 -1.52 -7.85 -12.11
CA ILE A 151 -2.31 -8.29 -10.95
C ILE A 151 -1.65 -9.49 -10.26
N TYR A 152 -1.05 -10.39 -11.04
CA TYR A 152 -0.30 -11.48 -10.43
C TYR A 152 0.70 -10.96 -9.41
N GLN A 153 1.50 -10.00 -9.85
CA GLN A 153 2.52 -9.41 -8.99
C GLN A 153 1.97 -8.70 -7.75
N ILE A 154 0.85 -7.99 -7.88
CA ILE A 154 0.26 -7.36 -6.70
C ILE A 154 -0.16 -8.41 -5.67
N LEU A 155 -0.77 -9.49 -6.15
CA LEU A 155 -1.23 -10.57 -5.26
C LEU A 155 -0.08 -11.35 -4.62
N ARG A 156 0.99 -11.56 -5.39
CA ARG A 156 2.21 -12.22 -4.89
C ARG A 156 2.79 -11.43 -3.70
N GLY A 157 2.94 -10.12 -3.88
CA GLY A 157 3.28 -9.20 -2.79
C GLY A 157 2.28 -9.07 -1.64
N LEU A 158 0.98 -9.15 -1.93
CA LEU A 158 -0.04 -9.13 -0.87
C LEU A 158 -0.03 -10.40 -0.06
N LYS A 159 0.11 -11.55 -0.69
CA LYS A 159 0.33 -12.81 0.06
C LYS A 159 1.45 -12.72 1.10
N TYR A 160 2.56 -12.13 0.67
CA TYR A 160 3.73 -11.94 1.51
C TYR A 160 3.39 -11.04 2.69
N ILE A 161 2.88 -9.84 2.39
CA ILE A 161 2.43 -8.83 3.39
C ILE A 161 1.40 -9.40 4.37
N HIS A 162 0.39 -10.05 3.82
CA HIS A 162 -0.70 -10.57 4.63
C HIS A 162 -0.30 -11.68 5.56
N SER A 163 0.64 -12.51 5.08
CA SER A 163 1.11 -13.65 5.86
C SER A 163 1.86 -13.18 7.10
N ALA A 164 2.40 -11.96 7.08
CA ALA A 164 2.96 -11.32 8.27
C ALA A 164 1.95 -10.54 9.12
N ASP A 165 0.65 -10.78 8.89
CA ASP A 165 -0.44 -9.99 9.45
C ASP A 165 -0.26 -8.48 9.33
N ILE A 166 0.21 -8.03 8.18
CA ILE A 166 0.21 -6.59 7.86
C ILE A 166 -0.91 -6.34 6.85
N ILE A 167 -1.64 -5.26 7.07
CA ILE A 167 -2.67 -4.79 6.14
C ILE A 167 -2.16 -3.51 5.48
N HIS A 168 -2.20 -3.43 4.16
CA HIS A 168 -1.75 -2.22 3.49
C HIS A 168 -2.68 -1.04 3.79
N ARG A 169 -3.99 -1.24 3.67
CA ARG A 169 -5.07 -0.26 3.93
C ARG A 169 -5.37 0.75 2.81
N ASP A 170 -4.43 0.93 1.90
CA ASP A 170 -4.41 2.08 1.04
C ASP A 170 -3.88 1.75 -0.34
N LEU A 171 -4.19 0.58 -0.88
CA LEU A 171 -3.76 0.22 -2.22
C LEU A 171 -4.52 0.99 -3.27
N LYS A 172 -3.77 1.73 -4.10
CA LYS A 172 -4.25 2.50 -5.25
C LYS A 172 -3.23 2.44 -6.38
N PRO A 173 -3.62 2.84 -7.60
CA PRO A 173 -2.62 2.85 -8.70
C PRO A 173 -1.36 3.69 -8.43
N SER A 174 -1.51 4.79 -7.69
CA SER A 174 -0.36 5.65 -7.42
C SER A 174 0.62 5.07 -6.38
N ASN A 175 0.23 4.03 -5.61
CA ASN A 175 1.15 3.27 -4.71
C ASN A 175 1.70 2.00 -5.34
N LEU A 176 1.64 1.90 -6.65
CA LEU A 176 2.10 0.72 -7.35
C LEU A 176 3.02 1.17 -8.45
N ALA A 177 4.32 1.01 -8.24
CA ALA A 177 5.30 1.38 -9.25
C ALA A 177 5.78 0.20 -10.08
N VAL A 178 6.09 0.52 -11.33
CA VAL A 178 6.49 -0.43 -12.36
C VAL A 178 7.78 0.05 -13.05
N ASN A 179 8.52 -0.85 -13.68
CA ASN A 179 9.67 -0.50 -14.52
C ASN A 179 9.39 -0.80 -16.01
N GLU A 180 10.39 -0.56 -16.86
CA GLU A 180 10.29 -0.87 -18.32
C GLU A 180 9.78 -2.30 -18.61
N ASP A 181 10.28 -3.28 -17.86
CA ASP A 181 9.92 -4.72 -18.03
C ASP A 181 8.56 -5.14 -17.43
N CYS A 182 7.72 -4.18 -17.02
CA CYS A 182 6.45 -4.41 -16.30
C CYS A 182 6.57 -5.11 -14.91
N GLU A 183 7.75 -5.00 -14.28
CA GLU A 183 7.99 -5.60 -12.96
C GLU A 183 7.55 -4.65 -11.83
N LEU A 184 6.70 -5.13 -10.93
CA LEU A 184 5.93 -4.25 -10.05
C LEU A 184 6.37 -4.32 -8.60
N LYS A 185 6.27 -3.19 -7.91
CA LYS A 185 6.43 -3.11 -6.47
C LYS A 185 5.29 -2.34 -5.85
N ILE A 186 4.88 -2.79 -4.67
CA ILE A 186 3.91 -2.07 -3.84
C ILE A 186 4.66 -1.09 -2.96
N LEU A 187 4.14 0.14 -2.90
CA LEU A 187 4.75 1.22 -2.15
C LEU A 187 3.85 1.69 -1.03
N ASP A 188 4.42 2.59 -0.23
CA ASP A 188 3.72 3.38 0.79
C ASP A 188 3.02 2.53 1.83
N PHE A 189 3.78 2.18 2.87
CA PHE A 189 3.30 1.65 4.15
C PHE A 189 3.64 2.62 5.32
N GLY A 190 2.84 2.55 6.40
CA GLY A 190 3.11 3.28 7.65
C GLY A 190 2.19 4.45 7.85
N HIS A 194 -4.45 9.87 6.88
CA HIS A 194 -5.39 10.42 5.89
C HIS A 194 -6.52 11.21 6.58
N THR A 195 -6.52 12.54 6.40
CA THR A 195 -7.51 13.42 7.04
C THR A 195 -8.94 13.19 6.53
N ASP A 196 -9.91 13.76 7.24
CA ASP A 196 -11.31 13.79 6.77
C ASP A 196 -11.41 14.54 5.42
N ASP A 197 -10.73 15.69 5.29
CA ASP A 197 -10.79 16.51 4.08
C ASP A 197 -10.19 15.83 2.82
N GLU A 198 -9.07 15.13 3.00
CA GLU A 198 -8.46 14.36 1.91
C GLU A 198 -9.37 13.27 1.36
N MET A 199 -10.20 12.72 2.22
CA MET A 199 -11.09 11.65 1.86
C MET A 199 -12.44 12.15 1.35
N THR A 200 -12.64 13.48 1.22
CA THR A 200 -13.93 14.05 0.84
C THR A 200 -14.04 14.43 -0.65
N GLY A 201 -15.19 14.13 -1.26
CA GLY A 201 -15.50 14.55 -2.61
C GLY A 201 -15.05 13.57 -3.68
N TYR A 202 -14.79 14.12 -4.88
CA TYR A 202 -14.40 13.35 -6.06
C TYR A 202 -12.89 13.17 -6.08
N VAL A 203 -12.44 12.17 -5.32
CA VAL A 203 -11.01 11.97 -5.04
C VAL A 203 -10.59 10.48 -5.08
N ALA A 204 -9.45 10.24 -5.73
CA ALA A 204 -8.85 8.91 -5.89
C ALA A 204 -8.47 8.29 -4.56
N THR A 205 -8.29 9.13 -3.56
CA THR A 205 -7.93 8.68 -2.22
C THR A 205 -8.98 7.77 -1.58
N ARG A 206 -10.20 7.74 -2.14
CA ARG A 206 -11.28 6.88 -1.63
C ARG A 206 -11.84 5.85 -2.62
N TRP A 207 -11.62 6.10 -3.92
CA TRP A 207 -12.21 5.23 -4.96
C TRP A 207 -11.87 3.75 -4.79
N TYR A 208 -10.75 3.41 -4.17
CA TYR A 208 -10.30 2.02 -4.08
C TYR A 208 -10.48 1.39 -2.69
N ARG A 209 -11.06 2.10 -1.76
CA ARG A 209 -11.22 1.59 -0.41
C ARG A 209 -12.46 0.75 -0.28
N ALA A 210 -12.34 -0.32 0.51
CA ALA A 210 -13.45 -1.24 0.71
C ALA A 210 -14.56 -0.55 1.50
N PRO A 211 -15.82 -0.89 1.20
CA PRO A 211 -16.97 -0.19 1.81
C PRO A 211 -16.97 -0.19 3.33
N GLU A 212 -16.54 -1.30 3.92
CA GLU A 212 -16.51 -1.44 5.38
C GLU A 212 -15.56 -0.47 6.07
N ILE A 213 -14.46 -0.05 5.40
CA ILE A 213 -13.56 1.00 5.95
C ILE A 213 -14.03 2.39 5.52
N MET A 214 -14.47 2.54 4.28
CA MET A 214 -15.01 3.82 3.82
C MET A 214 -16.08 4.36 4.78
N LEU A 215 -16.88 3.47 5.35
CA LEU A 215 -17.99 3.85 6.23
C LEU A 215 -17.87 3.36 7.68
N ASN A 216 -16.74 2.79 8.06
CA ASN A 216 -16.53 2.23 9.42
C ASN A 216 -17.69 1.32 9.85
N TRP A 217 -17.99 0.32 9.03
CA TRP A 217 -19.03 -0.66 9.37
C TRP A 217 -18.64 -1.62 10.50
N MET A 218 -17.40 -2.07 10.49
CA MET A 218 -16.91 -3.12 11.41
C MET A 218 -15.41 -3.01 11.59
N HIS A 219 -14.87 -3.70 12.59
CA HIS A 219 -13.41 -3.95 12.68
C HIS A 219 -13.09 -4.69 11.39
N TYR A 220 -12.36 -4.00 10.53
CA TYR A 220 -11.97 -4.51 9.21
C TYR A 220 -10.72 -5.35 9.38
N ASN A 221 -10.35 -6.05 8.31
CA ASN A 221 -9.10 -6.82 8.27
C ASN A 221 -8.49 -6.87 6.86
N GLN A 222 -7.52 -7.78 6.66
CA GLN A 222 -6.70 -7.89 5.42
C GLN A 222 -7.48 -7.89 4.10
N THR A 223 -8.66 -8.50 4.13
CA THR A 223 -9.58 -8.54 2.98
C THR A 223 -9.85 -7.18 2.27
N VAL A 224 -9.81 -6.07 3.01
CA VAL A 224 -9.92 -4.72 2.41
C VAL A 224 -8.89 -4.45 1.30
N ASP A 225 -7.71 -5.03 1.41
CA ASP A 225 -6.72 -4.90 0.34
C ASP A 225 -7.19 -5.59 -0.94
N ILE A 226 -7.86 -6.74 -0.78
CA ILE A 226 -8.37 -7.47 -1.96
C ILE A 226 -9.47 -6.67 -2.68
N TRP A 227 -10.30 -5.96 -1.94
CA TRP A 227 -11.26 -5.06 -2.54
C TRP A 227 -10.52 -4.05 -3.46
N SER A 228 -9.44 -3.48 -2.96
CA SER A 228 -8.69 -2.45 -3.69
C SER A 228 -8.17 -3.00 -4.99
N VAL A 229 -7.60 -4.21 -4.92
CA VAL A 229 -7.10 -4.93 -6.10
C VAL A 229 -8.20 -5.17 -7.14
N GLY A 230 -9.40 -5.51 -6.68
CA GLY A 230 -10.55 -5.61 -7.57
C GLY A 230 -10.79 -4.34 -8.33
N CYS A 231 -10.75 -3.22 -7.60
CA CYS A 231 -10.94 -1.90 -8.21
C CYS A 231 -9.83 -1.64 -9.22
N ILE A 232 -8.59 -1.96 -8.86
CA ILE A 232 -7.46 -1.72 -9.74
C ILE A 232 -7.51 -2.60 -11.01
N MET A 233 -7.68 -3.90 -10.84
CA MET A 233 -7.84 -4.81 -11.98
C MET A 233 -8.95 -4.42 -12.98
N ALA A 234 -10.11 -4.03 -12.45
CA ALA A 234 -11.20 -3.48 -13.28
C ALA A 234 -10.72 -2.27 -14.08
N GLU A 235 -10.06 -1.32 -13.38
CA GLU A 235 -9.49 -0.12 -14.01
C GLU A 235 -8.45 -0.44 -15.13
N LEU A 236 -7.65 -1.49 -14.95
CA LEU A 236 -6.64 -1.83 -15.95
C LEU A 236 -7.30 -2.41 -17.20
N LEU A 237 -8.40 -3.14 -17.00
CA LEU A 237 -9.16 -3.74 -18.10
C LEU A 237 -10.02 -2.78 -18.90
N THR A 238 -10.73 -1.88 -18.22
CA THR A 238 -11.61 -0.92 -18.90
C THR A 238 -10.93 0.42 -19.18
N GLY A 239 -9.79 0.69 -18.54
CA GLY A 239 -9.17 2.02 -18.58
C GLY A 239 -9.93 3.12 -17.84
N ARG A 240 -10.83 2.75 -16.92
CA ARG A 240 -11.70 3.70 -16.22
C ARG A 240 -11.84 3.30 -14.74
N THR A 241 -11.96 4.29 -13.87
CA THR A 241 -12.21 4.00 -12.46
C THR A 241 -13.49 3.20 -12.31
N LEU A 242 -13.44 2.17 -11.48
CA LEU A 242 -14.61 1.39 -11.20
C LEU A 242 -15.66 2.23 -10.45
N PHE A 243 -15.26 2.85 -9.34
CA PHE A 243 -16.21 3.54 -8.48
C PHE A 243 -15.82 5.01 -8.28
N PRO A 244 -15.95 5.83 -9.33
CA PRO A 244 -15.51 7.24 -9.20
C PRO A 244 -16.59 8.06 -8.46
N GLY A 245 -16.73 7.81 -7.16
CA GLY A 245 -17.81 8.39 -6.38
C GLY A 245 -17.48 9.84 -6.13
N THR A 246 -18.51 10.69 -6.15
CA THR A 246 -18.38 12.15 -5.91
C THR A 246 -18.39 12.48 -4.43
N ASP A 247 -18.75 11.49 -3.62
CA ASP A 247 -18.64 11.52 -2.18
C ASP A 247 -18.85 10.10 -1.69
N HIS A 248 -18.82 9.92 -0.37
CA HIS A 248 -18.93 8.59 0.25
C HIS A 248 -20.21 7.84 -0.13
N ILE A 249 -21.32 8.58 -0.24
CA ILE A 249 -22.66 8.03 -0.43
C ILE A 249 -22.91 7.70 -1.89
N ASP A 250 -22.51 8.60 -2.78
CA ASP A 250 -22.53 8.31 -4.22
C ASP A 250 -21.71 7.04 -4.56
N GLN A 251 -20.50 6.94 -3.98
CA GLN A 251 -19.63 5.79 -4.15
C GLN A 251 -20.28 4.53 -3.64
N LEU A 252 -20.95 4.62 -2.47
CA LEU A 252 -21.63 3.46 -1.93
C LEU A 252 -22.74 3.06 -2.90
N LYS A 253 -23.44 4.04 -3.47
CA LYS A 253 -24.51 3.75 -4.41
C LYS A 253 -23.98 3.08 -5.66
N LEU A 254 -22.88 3.60 -6.22
CA LEU A 254 -22.18 2.96 -7.34
C LEU A 254 -21.74 1.54 -7.01
N ILE A 255 -21.20 1.34 -5.81
CA ILE A 255 -20.77 0.02 -5.37
C ILE A 255 -21.97 -0.94 -5.30
N LEU A 256 -23.02 -0.54 -4.59
CA LEU A 256 -24.21 -1.41 -4.37
C LEU A 256 -25.01 -1.74 -5.65
N ARG A 257 -24.91 -0.86 -6.64
CA ARG A 257 -25.43 -1.09 -7.98
C ARG A 257 -24.73 -2.30 -8.60
N LEU A 258 -23.40 -2.34 -8.51
CA LEU A 258 -22.66 -3.43 -9.11
C LEU A 258 -22.82 -4.77 -8.35
N VAL A 259 -22.61 -4.78 -7.04
CA VAL A 259 -22.48 -6.06 -6.30
C VAL A 259 -23.73 -6.45 -5.52
N GLY A 260 -24.76 -5.62 -5.59
CA GLY A 260 -26.01 -5.87 -4.89
C GLY A 260 -26.02 -5.25 -3.50
N THR A 261 -27.23 -4.98 -3.01
CA THR A 261 -27.42 -4.53 -1.63
C THR A 261 -27.07 -5.67 -0.69
N PRO A 262 -26.67 -5.37 0.55
CA PRO A 262 -26.32 -6.45 1.49
C PRO A 262 -27.49 -7.36 1.85
N GLY A 263 -27.17 -8.59 2.22
CA GLY A 263 -28.13 -9.62 2.57
C GLY A 263 -28.28 -9.65 4.08
N ALA A 264 -29.15 -10.53 4.55
CA ALA A 264 -29.47 -10.61 5.97
C ALA A 264 -28.22 -10.83 6.79
N GLU A 265 -27.39 -11.78 6.35
CA GLU A 265 -26.22 -12.17 7.11
C GLU A 265 -25.17 -11.07 7.18
N LEU A 266 -24.87 -10.43 6.05
CA LEU A 266 -23.91 -9.33 6.10
C LEU A 266 -24.40 -8.20 7.00
N LEU A 267 -25.70 -7.89 6.97
CA LEU A 267 -26.29 -6.86 7.84
C LEU A 267 -26.02 -7.14 9.33
N LYS A 268 -26.16 -8.39 9.77
CA LYS A 268 -25.85 -8.77 11.16
C LYS A 268 -24.43 -8.31 11.52
N LYS A 269 -23.50 -8.49 10.59
CA LYS A 269 -22.07 -8.25 10.83
C LYS A 269 -21.67 -6.79 10.84
N ILE A 270 -22.54 -5.90 10.35
CA ILE A 270 -22.26 -4.47 10.42
C ILE A 270 -22.50 -4.02 11.86
N SER A 271 -21.41 -3.91 12.61
CA SER A 271 -21.39 -3.49 14.04
C SER A 271 -22.02 -2.13 14.32
N SER A 272 -21.77 -1.18 13.41
CA SER A 272 -22.32 0.16 13.52
C SER A 272 -23.81 0.11 13.24
N GLU A 273 -24.63 0.42 14.24
CA GLU A 273 -26.07 0.37 14.05
C GLU A 273 -26.57 1.58 13.26
N SER A 274 -25.87 2.70 13.35
CA SER A 274 -26.20 3.88 12.55
C SER A 274 -26.03 3.57 11.07
N ALA A 275 -24.93 2.91 10.70
CA ALA A 275 -24.67 2.53 9.31
C ALA A 275 -25.56 1.39 8.85
N ARG A 276 -25.82 0.42 9.72
CA ARG A 276 -26.74 -0.67 9.41
C ARG A 276 -28.13 -0.13 9.12
N ASN A 277 -28.56 0.81 9.96
CA ASN A 277 -29.84 1.45 9.78
C ASN A 277 -29.91 2.27 8.47
N TYR A 278 -28.82 2.94 8.08
CA TYR A 278 -28.81 3.68 6.81
C TYR A 278 -28.91 2.74 5.60
N ILE A 279 -28.07 1.70 5.60
CA ILE A 279 -28.13 0.66 4.56
C ILE A 279 -29.53 0.16 4.31
N GLN A 280 -30.28 -0.10 5.39
CA GLN A 280 -31.63 -0.65 5.29
C GLN A 280 -32.63 0.33 4.69
N SER A 281 -32.28 1.61 4.64
CA SER A 281 -33.12 2.60 3.97
C SER A 281 -33.10 2.46 2.44
N LEU A 282 -32.08 1.81 1.90
CA LEU A 282 -31.89 1.75 0.47
C LEU A 282 -32.76 0.66 -0.07
N THR A 283 -33.25 0.84 -1.30
CA THR A 283 -34.15 -0.14 -1.88
C THR A 283 -33.25 -1.24 -2.48
N GLN A 284 -33.65 -2.50 -2.29
CA GLN A 284 -32.77 -3.62 -2.55
C GLN A 284 -32.48 -3.80 -4.04
N MET A 285 -31.22 -4.12 -4.36
CA MET A 285 -30.77 -4.32 -5.71
C MET A 285 -29.99 -5.63 -5.75
N PRO A 286 -30.13 -6.38 -6.85
CA PRO A 286 -29.38 -7.60 -7.01
C PRO A 286 -28.01 -7.33 -7.63
N LYS A 287 -27.11 -8.30 -7.47
CA LYS A 287 -25.79 -8.28 -8.09
C LYS A 287 -25.92 -8.26 -9.62
N MET A 288 -25.23 -7.32 -10.29
CA MET A 288 -25.23 -7.28 -11.76
C MET A 288 -24.41 -8.38 -12.38
N ASN A 289 -24.77 -8.70 -13.62
CA ASN A 289 -23.92 -9.53 -14.46
C ASN A 289 -22.60 -8.81 -14.76
N PHE A 290 -21.47 -9.39 -14.33
CA PHE A 290 -20.14 -8.81 -14.58
C PHE A 290 -19.71 -8.94 -16.06
N ALA A 291 -20.09 -10.05 -16.71
CA ALA A 291 -19.87 -10.23 -18.17
C ALA A 291 -20.47 -9.11 -19.01
N ASN A 292 -21.56 -8.51 -18.55
CA ASN A 292 -22.14 -7.32 -19.23
C ASN A 292 -21.67 -5.93 -18.77
N VAL A 293 -20.91 -5.84 -17.68
CA VAL A 293 -20.20 -4.63 -17.32
C VAL A 293 -18.82 -4.65 -17.98
N PHE A 294 -18.10 -5.76 -17.89
CA PHE A 294 -16.76 -5.90 -18.49
C PHE A 294 -16.79 -6.62 -19.85
N ILE A 295 -17.48 -6.03 -20.81
CA ILE A 295 -17.65 -6.61 -22.14
C ILE A 295 -16.31 -6.79 -22.83
N GLY A 296 -16.12 -7.97 -23.43
CA GLY A 296 -14.90 -8.30 -24.15
C GLY A 296 -13.80 -8.87 -23.29
N ALA A 297 -14.02 -8.93 -21.99
CA ALA A 297 -12.98 -9.31 -21.07
C ALA A 297 -12.91 -10.83 -21.00
N ASN A 298 -11.71 -11.34 -20.85
CA ASN A 298 -11.47 -12.75 -20.57
C ASN A 298 -12.48 -13.20 -19.50
N PRO A 299 -13.22 -14.28 -19.74
CA PRO A 299 -14.11 -14.77 -18.69
C PRO A 299 -13.42 -15.12 -17.35
N LEU A 300 -12.12 -15.42 -17.41
CA LEU A 300 -11.40 -15.80 -16.20
C LEU A 300 -11.12 -14.53 -15.39
N ALA A 301 -10.83 -13.43 -16.09
CA ALA A 301 -10.81 -12.12 -15.45
C ALA A 301 -12.15 -11.80 -14.79
N VAL A 302 -13.26 -12.00 -15.53
CA VAL A 302 -14.60 -11.67 -15.00
C VAL A 302 -14.81 -12.47 -13.74
N ASP A 303 -14.59 -13.77 -13.85
CA ASP A 303 -14.69 -14.67 -12.72
C ASP A 303 -13.91 -14.19 -11.48
N LEU A 304 -12.63 -13.85 -11.67
CA LEU A 304 -11.77 -13.40 -10.56
C LEU A 304 -12.31 -12.10 -9.90
N LEU A 305 -12.65 -11.10 -10.72
CA LEU A 305 -13.33 -9.88 -10.24
C LEU A 305 -14.54 -10.17 -9.36
N GLU A 306 -15.36 -11.14 -9.74
CA GLU A 306 -16.56 -11.47 -8.96
C GLU A 306 -16.24 -11.98 -7.55
N LYS A 307 -15.11 -12.67 -7.43
CA LYS A 307 -14.67 -13.27 -6.18
C LYS A 307 -13.93 -12.25 -5.30
N MET A 308 -13.41 -11.20 -5.94
CA MET A 308 -12.74 -10.11 -5.26
C MET A 308 -13.70 -9.06 -4.77
N LEU A 309 -14.69 -8.72 -5.58
CA LEU A 309 -15.59 -7.62 -5.28
C LEU A 309 -16.86 -8.19 -4.67
N VAL A 310 -16.68 -8.95 -3.61
CA VAL A 310 -17.82 -9.51 -2.89
C VAL A 310 -18.02 -8.59 -1.71
N LEU A 311 -19.25 -8.17 -1.48
CA LEU A 311 -19.51 -7.14 -0.47
C LEU A 311 -19.09 -7.64 0.92
N ASP A 312 -19.43 -8.90 1.24
CA ASP A 312 -19.13 -9.49 2.53
C ASP A 312 -17.66 -9.88 2.60
N SER A 313 -16.87 -9.13 3.37
CA SER A 313 -15.41 -9.34 3.41
C SER A 313 -14.96 -10.73 3.86
N ASP A 314 -15.79 -11.41 4.65
CA ASP A 314 -15.54 -12.83 5.00
C ASP A 314 -15.55 -13.80 3.80
N LYS A 315 -16.28 -13.50 2.73
CA LYS A 315 -16.37 -14.35 1.55
C LYS A 315 -15.45 -13.91 0.41
N ARG A 316 -14.65 -12.87 0.62
CA ARG A 316 -13.71 -12.42 -0.41
C ARG A 316 -12.60 -13.44 -0.59
N ILE A 317 -12.17 -13.64 -1.82
CA ILE A 317 -10.97 -14.43 -2.12
C ILE A 317 -9.71 -13.84 -1.44
N THR A 318 -8.79 -14.68 -0.97
CA THR A 318 -7.51 -14.20 -0.40
C THR A 318 -6.46 -14.09 -1.49
N ALA A 319 -5.40 -13.34 -1.17
CA ALA A 319 -4.25 -13.23 -2.02
C ALA A 319 -3.74 -14.63 -2.32
N ALA A 320 -3.63 -15.45 -1.30
CA ALA A 320 -3.11 -16.84 -1.47
C ALA A 320 -4.01 -17.72 -2.36
N GLN A 321 -5.32 -17.58 -2.24
CA GLN A 321 -6.26 -18.30 -3.10
C GLN A 321 -6.29 -17.72 -4.50
N ALA A 322 -6.27 -16.41 -4.61
CA ALA A 322 -6.27 -15.76 -5.93
C ALA A 322 -5.12 -16.23 -6.85
N LEU A 323 -3.92 -16.40 -6.27
CA LEU A 323 -2.74 -16.83 -7.02
C LEU A 323 -2.88 -18.17 -7.72
N ALA A 324 -3.70 -19.04 -7.14
CA ALA A 324 -4.01 -20.34 -7.71
C ALA A 324 -5.18 -20.34 -8.71
N HIS A 325 -5.76 -19.19 -9.01
CA HIS A 325 -6.90 -19.07 -9.93
C HIS A 325 -6.40 -19.20 -11.36
N ALA A 326 -7.16 -19.90 -12.20
CA ALA A 326 -6.78 -20.20 -13.60
C ALA A 326 -6.27 -19.00 -14.43
N TYR A 327 -6.81 -17.81 -14.13
CA TYR A 327 -6.44 -16.58 -14.83
C TYR A 327 -4.94 -16.33 -14.86
N PHE A 328 -4.25 -16.74 -13.79
CA PHE A 328 -2.80 -16.62 -13.66
C PHE A 328 -2.02 -17.91 -14.01
N ALA A 329 -2.60 -18.84 -14.77
CA ALA A 329 -1.91 -20.10 -15.14
C ALA A 329 -0.49 -19.91 -15.71
N GLN A 330 -0.30 -18.88 -16.57
CA GLN A 330 1.02 -18.54 -17.17
C GLN A 330 2.07 -18.27 -16.12
N TYR A 331 1.69 -17.52 -15.08
CA TYR A 331 2.66 -17.00 -14.13
C TYR A 331 2.73 -17.79 -12.83
N HIS A 332 1.66 -18.47 -12.47
CA HIS A 332 1.57 -19.14 -11.19
C HIS A 332 2.73 -20.13 -10.97
N ASP A 333 3.38 -20.02 -9.83
CA ASP A 333 4.39 -20.99 -9.46
C ASP A 333 4.34 -21.11 -7.96
N PRO A 334 3.79 -22.25 -7.44
CA PRO A 334 3.61 -22.36 -5.97
C PRO A 334 4.92 -22.45 -5.17
N ASP A 335 6.07 -22.60 -5.83
CA ASP A 335 7.37 -22.60 -5.16
C ASP A 335 8.04 -21.25 -5.21
N ASP A 336 7.44 -20.25 -5.84
CA ASP A 336 8.10 -18.97 -5.95
C ASP A 336 7.11 -17.90 -5.57
N GLU A 337 6.33 -18.18 -4.54
CA GLU A 337 5.33 -17.25 -4.00
C GLU A 337 5.52 -17.26 -2.49
N PRO A 338 6.66 -16.72 -2.03
CA PRO A 338 7.04 -16.85 -0.64
C PRO A 338 6.23 -15.99 0.32
N VAL A 339 6.27 -16.40 1.59
CA VAL A 339 5.62 -15.73 2.68
C VAL A 339 6.69 -15.01 3.51
N ALA A 340 6.24 -14.29 4.53
CA ALA A 340 7.11 -13.43 5.28
C ALA A 340 7.45 -14.05 6.62
N ASP A 341 8.56 -13.59 7.19
CA ASP A 341 8.85 -13.86 8.58
C ASP A 341 7.78 -13.22 9.45
N PRO A 342 7.58 -13.78 10.65
CA PRO A 342 6.68 -13.14 11.62
C PRO A 342 7.09 -11.69 11.90
N TYR A 343 6.07 -10.83 12.10
CA TYR A 343 6.26 -9.40 12.34
C TYR A 343 5.55 -9.02 13.63
N ASP A 344 6.35 -8.73 14.65
CA ASP A 344 5.85 -8.31 15.93
C ASP A 344 5.45 -6.86 15.80
N GLN A 345 4.15 -6.58 15.89
CA GLN A 345 3.63 -5.21 16.01
C GLN A 345 2.87 -4.94 17.31
N SER A 346 3.25 -5.66 18.36
CA SER A 346 2.73 -5.41 19.70
C SER A 346 2.97 -3.95 20.13
N PHE A 347 3.99 -3.30 19.56
CA PHE A 347 4.25 -1.87 19.81
C PHE A 347 3.06 -0.97 19.51
N GLU A 348 2.24 -1.33 18.51
CA GLU A 348 1.02 -0.57 18.16
C GLU A 348 0.08 -0.31 19.35
N SER A 349 -0.01 -1.26 20.27
CA SER A 349 -0.89 -1.14 21.42
C SER A 349 -0.19 -0.57 22.66
N ARG A 350 1.00 0.02 22.49
CA ARG A 350 1.82 0.48 23.60
C ARG A 350 1.76 2.03 23.63
N ASP A 351 1.55 2.63 24.80
CA ASP A 351 1.58 4.12 24.95
C ASP A 351 2.90 4.55 25.58
N LEU A 352 3.80 5.12 24.79
CA LEU A 352 5.11 5.50 25.30
C LEU A 352 5.31 7.01 25.16
N LEU A 353 6.31 7.50 25.90
CA LEU A 353 6.73 8.88 25.79
C LEU A 353 7.46 9.09 24.47
N ILE A 354 7.61 10.35 24.10
CA ILE A 354 8.34 10.70 22.88
C ILE A 354 9.77 10.14 22.90
N ASP A 355 10.52 10.43 23.97
CA ASP A 355 11.91 9.98 24.07
C ASP A 355 12.08 8.49 23.92
N GLU A 356 11.08 7.74 24.39
CA GLU A 356 11.13 6.30 24.30
C GLU A 356 10.91 5.83 22.84
N TRP A 357 9.98 6.42 22.12
CA TRP A 357 9.81 6.11 20.70
C TRP A 357 11.04 6.50 19.86
N LYS A 358 11.68 7.59 20.24
CA LYS A 358 12.89 8.09 19.58
C LYS A 358 14.05 7.14 19.83
N SER A 359 14.19 6.71 21.07
CA SER A 359 15.20 5.69 21.45
C SER A 359 15.03 4.37 20.69
N LEU A 360 13.80 3.89 20.65
CA LEU A 360 13.46 2.71 19.86
C LEU A 360 13.75 2.88 18.38
N THR A 361 13.47 4.06 17.84
CA THR A 361 13.78 4.35 16.44
C THR A 361 15.30 4.40 16.26
N TYR A 362 16.04 4.97 17.22
CA TYR A 362 17.50 4.98 17.13
C TYR A 362 18.09 3.56 17.00
N ASP A 363 17.73 2.69 17.92
CA ASP A 363 18.16 1.29 17.91
C ASP A 363 17.99 0.63 16.53
N GLU A 364 16.86 0.90 15.89
CA GLU A 364 16.57 0.29 14.59
C GLU A 364 17.41 0.89 13.45
N VAL A 365 17.81 2.15 13.60
CA VAL A 365 18.67 2.80 12.63
C VAL A 365 20.04 2.15 12.68
N ILE A 366 20.65 2.16 13.87
CA ILE A 366 22.02 1.67 14.06
C ILE A 366 22.15 0.16 13.94
N SER A 367 21.05 -0.59 14.04
CA SER A 367 21.08 -2.03 13.85
C SER A 367 20.83 -2.43 12.41
N PHE A 368 20.51 -1.48 11.53
CA PHE A 368 20.20 -1.77 10.14
C PHE A 368 21.37 -2.48 9.48
N VAL A 369 21.08 -3.61 8.84
CA VAL A 369 22.04 -4.31 8.00
C VAL A 369 21.54 -4.21 6.57
N PRO A 370 22.39 -3.75 5.63
CA PRO A 370 21.89 -3.62 4.26
C PRO A 370 21.62 -4.97 3.59
N PRO A 371 20.85 -4.99 2.48
CA PRO A 371 20.65 -6.25 1.77
C PRO A 371 21.92 -6.64 1.01
N PRO A 372 22.12 -7.95 0.72
CA PRO A 372 23.32 -8.44 0.01
C PRO A 372 23.11 -8.65 -1.50
N LEU A 373 24.05 -8.17 -2.31
CA LEU A 373 24.09 -8.47 -3.76
C LEU A 373 25.47 -8.15 -4.33
C24 FTZ B . 8.95 5.85 -8.77
C25 FTZ B . 7.95 6.30 -9.54
C26 FTZ B . 6.85 6.47 -8.81
O27 FTZ B . 7.17 6.14 -7.53
C7 FTZ B . 8.50 5.74 -7.53
C5 FTZ B . 9.19 5.34 -6.37
N6 FTZ B . 8.86 5.62 -5.10
N4 FTZ B . 10.32 4.62 -6.33
N3 FTZ B . 10.65 4.45 -5.15
C2 FTZ B . 9.79 5.05 -4.34
N1 FTZ B . 9.87 5.06 -2.99
C9 FTZ B . 8.97 5.80 -2.07
C11 FTZ B . 9.31 5.56 -0.56
C15 FTZ B . 10.46 6.06 0.09
CL1 FTZ B . 11.62 7.02 -0.75
C23 FTZ B . 10.73 5.81 1.44
C16 FTZ B . 9.86 5.03 2.19
C17 FTZ B . 8.72 4.52 1.58
C14 FTZ B . 8.44 4.77 0.23
F18 FTZ B . 7.34 4.25 -0.31
#